data_8PZB
#
_entry.id   8PZB
#
_cell.length_a   65.620
_cell.length_b   65.620
_cell.length_c   263.620
_cell.angle_alpha   90.00
_cell.angle_beta   90.00
_cell.angle_gamma   120.00
#
_symmetry.space_group_name_H-M   'P 65 2 2'
#
loop_
_entity.id
_entity.type
_entity.pdbx_description
1 polymer 'Vitamin D3 receptor A'
2 polymer 'Nuclear receptor coactivator 2'
3 non-polymer (1~{R},3~{S},5~{Z})-5-[(2~{E})-2-[(4~{a}~{R},5~{S},9~{a}~{S})-4~{a}-methyl-5-[(2~{R})-6-methyl-6-oxidanyl-heptan-2-yl]-3,4,5,6,7,8,9,9~{a}-octahydro-2~{H}-benzo[7]annulen-1-ylidene]ethylidene]-4-methylidene-cyclohexane-1,3-diol
4 water water
#
loop_
_entity_poly.entity_id
_entity_poly.type
_entity_poly.pdbx_seq_one_letter_code
_entity_poly.pdbx_strand_id
1 'polypeptide(L)'
;GSHMLSDEQMQIINSLVEAHHKTYDDSYSDFVRFRPPVREGPVTRSASRAASLHSLSDASSDSFNHSPESVDTKLNFSNL
LMMYQDSGSPDSSEEDQQSRLSMLPHLADLVSYSIQKVIGFAKMIPGFRDLTAEDQIALLKSSAIEIIMLRSNQSFSLED
MSWSCGGPDFKYCINDVTKAGHTLELLEPLVKFQVGLKKLKLHEEEHVLLMAICLLSPDRPGVQDHVRIEALQDRLCDVL
QAYIRIQHPGGRLLYAKMIQKLADLRSLNEEHSKQYRSLSFQPEHSMQLTPLVLEVFGSEVS
;
A
2 'polypeptide(L)' KHKILHRLLQDSS B
#
# COMPACT_ATOMS: atom_id res chain seq x y z
N MET A 4 -5.35 -15.46 -25.60
CA MET A 4 -3.96 -15.60 -25.18
C MET A 4 -3.32 -14.26 -24.82
N LEU A 5 -2.31 -14.28 -23.93
CA LEU A 5 -1.58 -13.06 -23.53
C LEU A 5 -0.47 -12.71 -24.52
N SER A 6 -0.29 -11.41 -24.75
CA SER A 6 0.76 -10.90 -25.63
C SER A 6 2.09 -10.88 -24.89
N ASP A 7 3.17 -10.85 -25.68
CA ASP A 7 4.50 -10.70 -25.10
C ASP A 7 4.56 -9.48 -24.18
N GLU A 8 4.09 -8.33 -24.66
CA GLU A 8 4.19 -7.11 -23.88
C GLU A 8 3.45 -7.24 -22.55
N GLN A 9 2.37 -8.03 -22.50
CA GLN A 9 1.60 -8.14 -21.26
C GLN A 9 2.19 -9.17 -20.29
N MET A 10 2.84 -10.21 -20.80
CA MET A 10 3.48 -11.12 -19.85
C MET A 10 4.78 -10.52 -19.31
N GLN A 11 5.45 -9.69 -20.12
CA GLN A 11 6.62 -8.95 -19.60
C GLN A 11 6.22 -8.03 -18.46
N ILE A 12 5.09 -7.32 -18.61
CA ILE A 12 4.59 -6.45 -17.54
C ILE A 12 4.27 -7.27 -16.30
N ILE A 13 3.74 -8.47 -16.47
CA ILE A 13 3.47 -9.33 -15.32
C ILE A 13 4.77 -9.84 -14.71
N ASN A 14 5.73 -10.20 -15.56
CA ASN A 14 6.97 -10.79 -15.08
C ASN A 14 7.70 -9.84 -14.15
N SER A 15 7.87 -8.60 -14.58
CA SER A 15 8.70 -7.68 -13.80
C SER A 15 7.94 -7.11 -12.60
N LEU A 16 6.61 -7.05 -12.67
CA LEU A 16 5.82 -6.64 -11.52
C LEU A 16 5.79 -7.71 -10.44
N VAL A 17 5.84 -8.99 -10.81
CA VAL A 17 5.91 -10.04 -9.79
C VAL A 17 7.29 -10.08 -9.15
N GLU A 18 8.34 -9.87 -9.95
CA GLU A 18 9.68 -9.90 -9.40
C GLU A 18 9.91 -8.70 -8.49
N ALA A 19 9.41 -7.53 -8.87
CA ALA A 19 9.53 -6.33 -8.04
C ALA A 19 8.93 -6.57 -6.68
N HIS A 20 7.75 -7.20 -6.64
CA HIS A 20 7.11 -7.48 -5.38
C HIS A 20 7.90 -8.50 -4.59
N HIS A 21 8.42 -9.53 -5.26
CA HIS A 21 9.27 -10.48 -4.55
C HIS A 21 10.53 -9.83 -4.00
N LYS A 22 11.00 -8.75 -4.64
CA LYS A 22 12.19 -8.08 -4.17
C LYS A 22 11.91 -7.08 -3.04
N THR A 23 10.65 -6.71 -2.82
CA THR A 23 10.30 -5.68 -1.83
C THR A 23 9.37 -6.18 -0.73
N TYR A 24 8.96 -7.45 -0.75
CA TYR A 24 8.14 -8.04 0.31
C TYR A 24 8.84 -9.28 0.89
N ASP A 25 8.96 -9.32 2.21
CA ASP A 25 9.61 -10.44 2.91
C ASP A 25 8.54 -11.18 3.69
N ASP A 26 8.24 -12.42 3.28
CA ASP A 26 7.22 -13.23 3.95
C ASP A 26 7.63 -13.71 5.34
N SER A 27 8.91 -13.60 5.71
CA SER A 27 9.36 -13.96 7.05
C SER A 27 9.24 -12.80 8.04
N TYR A 28 9.21 -11.56 7.57
CA TYR A 28 9.09 -10.37 8.44
C TYR A 28 10.30 -10.23 9.37
N SER A 29 11.47 -10.66 8.89
CA SER A 29 12.63 -10.71 9.77
C SER A 29 13.12 -9.31 10.15
N ASP A 30 13.04 -8.35 9.23
CA ASP A 30 13.53 -7.00 9.50
C ASP A 30 12.78 -6.31 10.65
N PHE A 31 11.78 -6.99 11.21
CA PHE A 31 10.97 -6.35 12.23
C PHE A 31 11.69 -6.28 13.57
N VAL A 32 12.75 -7.05 13.76
CA VAL A 32 13.53 -6.91 14.99
C VAL A 32 14.38 -5.66 15.00
N ARG A 33 14.48 -4.95 13.88
CA ARG A 33 15.20 -3.69 13.81
C ARG A 33 14.32 -2.50 14.14
N PHE A 34 13.01 -2.69 14.31
CA PHE A 34 12.15 -1.57 14.69
C PHE A 34 12.25 -1.31 16.18
N ARG A 35 11.69 -0.18 16.61
CA ARG A 35 11.44 0.03 18.03
C ARG A 35 10.37 -0.97 18.47
N PRO A 36 10.56 -1.65 19.59
CA PRO A 36 9.70 -2.79 19.92
C PRO A 36 8.27 -2.38 20.21
N PRO A 37 7.35 -3.34 20.25
CA PRO A 37 5.96 -3.01 20.59
C PRO A 37 5.79 -2.98 22.10
N VAL A 38 4.78 -2.24 22.53
CA VAL A 38 4.43 -2.15 23.95
C VAL A 38 2.92 -2.19 24.07
N ARG A 39 2.43 -3.02 24.98
CA ARG A 39 1.00 -3.11 25.25
C ARG A 39 0.79 -3.26 26.75
N ARG A 100 -1.33 7.87 26.07
CA ARG A 100 -0.05 7.17 26.09
C ARG A 100 0.40 6.75 24.67
N LEU A 101 -0.43 5.93 24.00
CA LEU A 101 -0.21 5.47 22.63
C LEU A 101 1.04 4.58 22.52
N SER A 102 1.02 3.45 23.24
CA SER A 102 2.22 2.66 23.44
C SER A 102 2.71 2.03 22.15
N MET A 103 1.80 1.68 21.24
CA MET A 103 2.19 1.01 20.01
C MET A 103 2.68 1.96 18.92
N LEU A 104 2.56 3.27 19.13
CA LEU A 104 2.88 4.23 18.06
C LEU A 104 4.32 4.12 17.57
N PRO A 105 5.35 4.05 18.40
CA PRO A 105 6.72 3.95 17.85
C PRO A 105 6.92 2.72 16.97
N HIS A 106 6.49 1.55 17.43
CA HIS A 106 6.71 0.35 16.63
C HIS A 106 5.95 0.42 15.31
N LEU A 107 4.74 0.97 15.31
CA LEU A 107 3.96 1.01 14.07
C LEU A 107 4.42 2.10 13.13
N ALA A 108 4.93 3.22 13.67
CA ALA A 108 5.52 4.24 12.81
C ALA A 108 6.75 3.68 12.09
N ASP A 109 7.63 3.01 12.83
CA ASP A 109 8.75 2.33 12.21
C ASP A 109 8.27 1.37 11.14
N LEU A 110 7.23 0.58 11.44
CA LEU A 110 6.73 -0.41 10.48
C LEU A 110 6.26 0.28 9.20
N VAL A 111 5.35 1.24 9.34
CA VAL A 111 4.89 2.01 8.19
C VAL A 111 6.06 2.63 7.44
N SER A 112 7.05 3.13 8.17
CA SER A 112 8.15 3.83 7.52
C SER A 112 8.97 2.88 6.67
N TYR A 113 9.28 1.72 7.23
CA TYR A 113 9.91 0.65 6.48
C TYR A 113 9.07 0.25 5.26
N SER A 114 7.77 0.15 5.41
CA SER A 114 6.93 -0.24 4.29
C SER A 114 6.93 0.81 3.20
N ILE A 115 6.94 2.09 3.57
CA ILE A 115 7.05 3.16 2.57
C ILE A 115 8.30 2.97 1.72
N GLN A 116 9.39 2.52 2.34
CA GLN A 116 10.61 2.31 1.57
C GLN A 116 10.46 1.18 0.57
N LYS A 117 9.66 0.16 0.92
CA LYS A 117 9.43 -0.98 0.05
C LYS A 117 8.50 -0.62 -1.10
N VAL A 118 7.43 0.15 -0.81
CA VAL A 118 6.53 0.63 -1.85
C VAL A 118 7.28 1.45 -2.89
N ILE A 119 8.18 2.33 -2.45
CA ILE A 119 9.01 3.10 -3.38
C ILE A 119 9.83 2.15 -4.26
N GLY A 120 10.42 1.12 -3.65
CA GLY A 120 11.19 0.16 -4.43
C GLY A 120 10.34 -0.62 -5.41
N PHE A 121 9.06 -0.82 -5.10
CA PHE A 121 8.12 -1.43 -6.02
C PHE A 121 7.84 -0.50 -7.20
N ALA A 122 7.46 0.75 -6.88
CA ALA A 122 7.04 1.72 -7.89
C ALA A 122 8.14 1.98 -8.91
N LYS A 123 9.39 2.11 -8.47
CA LYS A 123 10.51 2.29 -9.39
C LYS A 123 10.68 1.12 -10.34
N MET A 124 9.93 0.04 -10.16
CA MET A 124 10.03 -1.13 -11.01
C MET A 124 8.78 -1.37 -11.86
N ILE A 125 7.65 -0.76 -11.52
CA ILE A 125 6.49 -0.68 -12.41
C ILE A 125 6.95 -0.09 -13.74
N PRO A 126 6.67 -0.72 -14.88
CA PRO A 126 7.07 -0.10 -16.16
C PRO A 126 6.32 1.21 -16.38
N GLY A 127 7.04 2.20 -16.90
CA GLY A 127 6.50 3.53 -17.14
C GLY A 127 6.64 4.51 -15.98
N PHE A 128 6.64 4.01 -14.74
CA PHE A 128 6.73 4.92 -13.59
C PHE A 128 8.04 5.68 -13.58
N ARG A 129 9.15 4.98 -13.82
CA ARG A 129 10.47 5.59 -13.76
C ARG A 129 10.63 6.76 -14.74
N ASP A 130 9.80 6.84 -15.77
CA ASP A 130 9.95 7.87 -16.79
C ASP A 130 9.08 9.10 -16.56
N LEU A 131 8.16 9.04 -15.60
CA LEU A 131 7.44 10.23 -15.16
C LEU A 131 8.41 11.23 -14.56
N THR A 132 7.98 12.49 -14.48
CA THR A 132 8.77 13.49 -13.78
C THR A 132 8.85 13.14 -12.29
N ALA A 133 9.91 13.62 -11.65
CA ALA A 133 10.07 13.36 -10.23
C ALA A 133 8.90 13.91 -9.43
N GLU A 134 8.33 15.03 -9.88
CA GLU A 134 7.17 15.62 -9.21
C GLU A 134 6.00 14.64 -9.22
N ASP A 135 5.62 14.16 -10.41
CA ASP A 135 4.53 13.20 -10.51
C ASP A 135 4.81 11.91 -9.74
N GLN A 136 6.06 11.47 -9.70
CA GLN A 136 6.37 10.30 -8.87
C GLN A 136 6.12 10.59 -7.40
N ILE A 137 6.65 11.71 -6.90
CA ILE A 137 6.35 12.12 -5.52
C ILE A 137 4.86 12.26 -5.32
N ALA A 138 4.18 12.96 -6.25
CA ALA A 138 2.74 13.18 -6.14
C ALA A 138 1.97 11.86 -6.06
N LEU A 139 2.34 10.89 -6.91
CA LEU A 139 1.68 9.59 -6.88
C LEU A 139 1.96 8.86 -5.57
N LEU A 140 3.22 8.87 -5.11
CA LEU A 140 3.57 8.12 -3.91
C LEU A 140 2.94 8.71 -2.65
N LYS A 141 2.98 10.04 -2.49
CA LYS A 141 2.35 10.65 -1.33
C LYS A 141 0.87 10.27 -1.24
N SER A 142 0.13 10.41 -2.34
CA SER A 142 -1.31 10.16 -2.28
C SER A 142 -1.61 8.68 -2.05
N SER A 143 -0.83 7.78 -2.66
CA SER A 143 -1.21 6.39 -2.72
C SER A 143 -0.46 5.54 -1.71
N ALA A 144 0.45 6.13 -0.95
CA ALA A 144 1.30 5.35 -0.05
C ALA A 144 0.48 4.48 0.88
N ILE A 145 -0.48 5.08 1.58
CA ILE A 145 -1.16 4.35 2.64
C ILE A 145 -1.98 3.21 2.04
N GLU A 146 -2.54 3.42 0.85
CA GLU A 146 -3.37 2.40 0.19
C GLU A 146 -2.54 1.21 -0.24
N ILE A 147 -1.41 1.45 -0.89
CA ILE A 147 -0.51 0.34 -1.21
C ILE A 147 -0.09 -0.41 0.05
N ILE A 148 0.02 0.28 1.19
CA ILE A 148 0.36 -0.42 2.42
C ILE A 148 -0.80 -1.29 2.89
N MET A 149 -2.04 -0.76 2.81
CA MET A 149 -3.20 -1.56 3.19
C MET A 149 -3.35 -2.76 2.28
N LEU A 150 -3.00 -2.61 1.01
CA LEU A 150 -3.08 -3.72 0.07
C LEU A 150 -2.01 -4.77 0.37
N ARG A 151 -0.77 -4.34 0.54
CA ARG A 151 0.32 -5.28 0.80
C ARG A 151 0.15 -5.98 2.12
N SER A 152 -0.35 -5.27 3.11
CA SER A 152 -0.61 -5.89 4.40
C SER A 152 -1.56 -7.08 4.31
N ASN A 153 -2.34 -7.21 3.23
CA ASN A 153 -3.29 -8.32 3.15
C ASN A 153 -2.57 -9.66 3.18
N GLN A 154 -1.33 -9.72 2.67
CA GLN A 154 -0.58 -10.96 2.68
C GLN A 154 -0.33 -11.48 4.10
N SER A 155 -0.44 -10.63 5.10
CA SER A 155 -0.20 -11.03 6.48
C SER A 155 -1.46 -11.21 7.27
N PHE A 156 -2.56 -10.76 6.71
CA PHE A 156 -3.85 -10.84 7.39
C PHE A 156 -4.34 -12.27 7.34
N SER A 157 -4.83 -12.76 8.47
CA SER A 157 -5.38 -14.11 8.55
C SER A 157 -6.81 -14.00 9.05
N LEU A 158 -7.72 -14.77 8.42
CA LEU A 158 -9.11 -14.73 8.84
C LEU A 158 -9.32 -15.47 10.15
N GLU A 159 -8.53 -16.51 10.39
CA GLU A 159 -8.62 -17.22 11.67
C GLU A 159 -8.39 -16.28 12.86
N ASP A 160 -7.51 -15.28 12.70
CA ASP A 160 -7.14 -14.36 13.77
C ASP A 160 -7.88 -13.03 13.72
N MET A 161 -8.09 -12.49 12.50
CA MET A 161 -8.49 -11.09 12.29
C MET A 161 -7.39 -10.13 12.71
N SER A 162 -6.16 -10.65 12.71
CA SER A 162 -4.99 -9.85 13.02
C SER A 162 -4.01 -10.03 11.89
N TRP A 163 -3.17 -9.03 11.68
CA TRP A 163 -2.00 -9.24 10.86
C TRP A 163 -1.00 -10.06 11.66
N SER A 164 -0.63 -11.23 11.15
CA SER A 164 0.18 -12.18 11.90
C SER A 164 1.57 -12.24 11.28
N CYS A 165 2.39 -11.24 11.63
CA CYS A 165 3.74 -11.09 11.10
C CYS A 165 4.79 -11.77 11.95
N GLY A 166 4.41 -12.77 12.71
CA GLY A 166 5.37 -13.45 13.54
C GLY A 166 4.67 -14.11 14.70
N GLY A 167 5.34 -14.08 15.84
CA GLY A 167 4.84 -14.73 17.02
C GLY A 167 3.97 -13.79 17.82
N PRO A 168 4.15 -13.79 19.15
CA PRO A 168 3.33 -12.91 20.01
C PRO A 168 3.51 -11.43 19.72
N ASP A 169 4.75 -10.98 19.46
CA ASP A 169 5.01 -9.54 19.40
C ASP A 169 4.49 -8.93 18.11
N PHE A 170 4.74 -9.58 16.97
CA PHE A 170 4.43 -8.99 15.67
C PHE A 170 3.07 -9.45 15.15
N LYS A 171 2.23 -10.00 16.02
CA LYS A 171 0.84 -10.25 15.69
C LYS A 171 0.07 -9.00 16.07
N TYR A 172 -0.34 -8.23 15.06
CA TYR A 172 -0.99 -6.94 15.30
C TYR A 172 -2.50 -7.16 15.32
N CYS A 173 -3.07 -7.13 16.52
CA CYS A 173 -4.53 -7.22 16.69
C CYS A 173 -5.17 -5.87 16.43
N ILE A 174 -6.48 -5.78 16.65
CA ILE A 174 -7.17 -4.51 16.50
C ILE A 174 -6.90 -3.59 17.69
N ASN A 175 -6.75 -4.16 18.89
CA ASN A 175 -6.42 -3.33 20.05
C ASN A 175 -5.05 -2.69 19.94
N ASP A 176 -4.20 -3.18 19.03
CA ASP A 176 -2.90 -2.56 18.80
C ASP A 176 -3.01 -1.34 17.89
N VAL A 177 -3.88 -1.40 16.88
CA VAL A 177 -4.07 -0.25 15.99
C VAL A 177 -4.55 0.96 16.79
N THR A 178 -5.44 0.74 17.75
CA THR A 178 -5.87 1.84 18.60
C THR A 178 -4.72 2.38 19.43
N LYS A 179 -3.94 1.49 20.04
CA LYS A 179 -2.76 1.94 20.78
C LYS A 179 -1.76 2.70 19.91
N ALA A 180 -1.97 2.77 18.59
CA ALA A 180 -1.21 3.68 17.75
C ALA A 180 -1.93 4.99 17.50
N GLY A 181 -3.09 5.19 18.13
CA GLY A 181 -3.80 6.44 18.01
C GLY A 181 -4.90 6.51 16.95
N HIS A 182 -5.39 5.39 16.49
CA HIS A 182 -6.47 5.41 15.53
C HIS A 182 -7.78 4.95 16.14
N THR A 183 -8.87 5.66 15.85
CA THR A 183 -10.17 5.33 16.41
C THR A 183 -10.85 4.26 15.56
N LEU A 184 -12.02 3.82 15.99
CA LEU A 184 -12.70 2.72 15.30
C LEU A 184 -13.26 3.14 13.94
N GLU A 185 -13.42 4.45 13.69
CA GLU A 185 -13.86 4.91 12.39
C GLU A 185 -12.89 4.49 11.28
N LEU A 186 -11.61 4.35 11.60
CA LEU A 186 -10.71 3.78 10.61
C LEU A 186 -10.76 2.26 10.65
N LEU A 187 -10.80 1.70 11.85
CA LEU A 187 -10.62 0.25 12.01
C LEU A 187 -11.78 -0.54 11.44
N GLU A 188 -13.01 -0.03 11.55
CA GLU A 188 -14.17 -0.82 11.12
C GLU A 188 -14.13 -1.11 9.62
N PRO A 189 -14.14 -0.13 8.72
CA PRO A 189 -14.07 -0.49 7.29
C PRO A 189 -12.72 -1.06 6.87
N LEU A 190 -11.65 -0.86 7.67
CA LEU A 190 -10.35 -1.39 7.31
C LEU A 190 -10.32 -2.92 7.38
N VAL A 191 -10.75 -3.50 8.49
CA VAL A 191 -10.69 -4.94 8.59
C VAL A 191 -11.71 -5.57 7.64
N LYS A 192 -12.89 -4.93 7.50
CA LYS A 192 -13.89 -5.39 6.54
C LYS A 192 -13.33 -5.34 5.12
N PHE A 193 -12.48 -4.35 4.84
CA PHE A 193 -11.75 -4.36 3.59
C PHE A 193 -10.77 -5.53 3.55
N GLN A 194 -10.08 -5.79 4.65
CA GLN A 194 -9.09 -6.85 4.67
C GLN A 194 -9.70 -8.24 4.52
N VAL A 195 -10.94 -8.46 4.98
CA VAL A 195 -11.55 -9.77 4.76
C VAL A 195 -12.20 -9.88 3.38
N GLY A 196 -12.61 -8.76 2.78
CA GLY A 196 -13.07 -8.81 1.41
C GLY A 196 -11.93 -9.08 0.45
N LEU A 197 -10.79 -8.42 0.66
CA LEU A 197 -9.62 -8.71 -0.16
C LEU A 197 -9.15 -10.14 0.07
N LYS A 198 -9.26 -10.63 1.30
CA LYS A 198 -8.78 -11.98 1.59
C LYS A 198 -9.66 -13.02 0.92
N LYS A 199 -10.98 -12.83 0.95
CA LYS A 199 -11.89 -13.78 0.34
C LYS A 199 -11.75 -13.83 -1.18
N LEU A 200 -11.26 -12.75 -1.81
CA LEU A 200 -11.05 -12.77 -3.26
C LEU A 200 -9.99 -13.79 -3.68
N LYS A 201 -9.23 -14.38 -2.74
CA LYS A 201 -8.23 -15.41 -3.04
C LYS A 201 -7.40 -15.06 -4.28
N LEU A 202 -6.99 -13.79 -4.38
CA LEU A 202 -6.23 -13.30 -5.54
C LEU A 202 -4.99 -14.14 -5.83
N HIS A 203 -4.70 -14.36 -7.10
CA HIS A 203 -3.39 -14.84 -7.51
C HIS A 203 -2.38 -13.74 -7.25
N GLU A 204 -1.09 -14.08 -7.25
CA GLU A 204 -0.08 -13.04 -7.04
C GLU A 204 -0.07 -12.05 -8.19
N GLU A 205 -0.27 -12.54 -9.41
CA GLU A 205 -0.32 -11.66 -10.57
C GLU A 205 -1.39 -10.59 -10.40
N GLU A 206 -2.50 -10.92 -9.73
CA GLU A 206 -3.56 -9.92 -9.57
C GLU A 206 -3.28 -9.01 -8.38
N HIS A 207 -2.79 -9.58 -7.28
CA HIS A 207 -2.43 -8.77 -6.13
C HIS A 207 -1.40 -7.72 -6.52
N VAL A 208 -0.36 -8.16 -7.22
CA VAL A 208 0.67 -7.27 -7.74
C VAL A 208 0.06 -6.27 -8.72
N LEU A 209 -0.71 -6.75 -9.71
CA LEU A 209 -1.31 -5.83 -10.69
C LEU A 209 -2.19 -4.79 -10.02
N LEU A 210 -3.01 -5.23 -9.06
CA LEU A 210 -3.89 -4.29 -8.37
C LEU A 210 -3.08 -3.19 -7.67
N MET A 211 -1.96 -3.54 -7.04
CA MET A 211 -1.13 -2.52 -6.40
C MET A 211 -0.67 -1.47 -7.41
N ALA A 212 -0.07 -1.89 -8.52
CA ALA A 212 0.40 -0.94 -9.52
C ALA A 212 -0.75 -0.14 -10.12
N ILE A 213 -1.95 -0.70 -10.19
CA ILE A 213 -3.08 0.06 -10.70
C ILE A 213 -3.49 1.12 -9.68
N CYS A 214 -3.47 0.75 -8.40
CA CYS A 214 -3.78 1.73 -7.37
C CYS A 214 -2.78 2.88 -7.38
N LEU A 215 -1.49 2.56 -7.49
CA LEU A 215 -0.45 3.57 -7.47
C LEU A 215 -0.56 4.52 -8.66
N LEU A 216 -1.08 4.05 -9.79
CA LEU A 216 -1.08 4.82 -11.02
C LEU A 216 -2.42 5.52 -11.28
N SER A 217 -3.18 5.82 -10.24
CA SER A 217 -4.41 6.59 -10.41
C SER A 217 -4.07 8.04 -10.76
N PRO A 218 -4.64 8.60 -11.83
CA PRO A 218 -4.53 10.05 -12.03
C PRO A 218 -5.39 10.86 -11.08
N ASP A 219 -6.25 10.19 -10.32
CA ASP A 219 -7.17 10.83 -9.38
C ASP A 219 -6.42 11.27 -8.12
N ARG A 220 -5.18 11.67 -8.25
CA ARG A 220 -4.44 12.05 -7.06
C ARG A 220 -4.20 13.55 -7.05
N PRO A 221 -4.19 14.18 -5.88
CA PRO A 221 -3.81 15.60 -5.80
C PRO A 221 -2.33 15.75 -6.11
N GLY A 222 -2.01 16.75 -6.92
CA GLY A 222 -0.66 17.05 -7.29
C GLY A 222 -0.25 16.53 -8.64
N VAL A 223 -0.83 15.40 -9.09
CA VAL A 223 -0.44 14.86 -10.38
C VAL A 223 -0.60 15.94 -11.42
N GLN A 224 0.37 16.06 -12.31
CA GLN A 224 0.31 17.05 -13.36
C GLN A 224 0.07 16.45 -14.73
N ASP A 225 0.72 15.36 -15.03
CA ASP A 225 0.56 14.70 -16.32
C ASP A 225 -0.44 13.56 -16.19
N HIS A 226 -1.66 13.91 -15.76
CA HIS A 226 -2.69 12.90 -15.58
C HIS A 226 -3.01 12.18 -16.87
N VAL A 227 -2.73 12.78 -18.04
CA VAL A 227 -2.96 12.08 -19.30
C VAL A 227 -1.97 10.92 -19.46
N ARG A 228 -0.69 11.17 -19.21
CA ARG A 228 0.28 10.08 -19.37
C ARG A 228 0.09 8.99 -18.32
N ILE A 229 -0.17 9.34 -17.06
CA ILE A 229 -0.27 8.29 -16.07
C ILE A 229 -1.58 7.53 -16.24
N GLU A 230 -2.62 8.19 -16.74
CA GLU A 230 -3.85 7.48 -17.10
C GLU A 230 -3.58 6.42 -18.18
N ALA A 231 -2.72 6.75 -19.15
CA ALA A 231 -2.36 5.75 -20.16
C ALA A 231 -1.66 4.55 -19.53
N LEU A 232 -0.74 4.79 -18.58
CA LEU A 232 -0.09 3.67 -17.89
C LEU A 232 -1.10 2.85 -17.11
N GLN A 233 -2.00 3.52 -16.37
CA GLN A 233 -2.97 2.77 -15.57
C GLN A 233 -3.87 1.91 -16.44
N ASP A 234 -4.13 2.33 -17.67
CA ASP A 234 -4.98 1.58 -18.58
C ASP A 234 -4.23 0.45 -19.26
N ARG A 235 -2.95 0.66 -19.57
CA ARG A 235 -2.14 -0.46 -20.02
C ARG A 235 -2.15 -1.59 -19.00
N LEU A 236 -2.25 -1.23 -17.70
CA LEU A 236 -2.22 -2.21 -16.61
C LEU A 236 -3.58 -2.85 -16.34
N CYS A 237 -4.68 -2.15 -16.60
CA CYS A 237 -5.99 -2.79 -16.45
C CYS A 237 -6.25 -3.76 -17.59
N ASP A 238 -5.74 -3.45 -18.78
CA ASP A 238 -5.78 -4.41 -19.88
C ASP A 238 -5.07 -5.70 -19.51
N VAL A 239 -3.91 -5.59 -18.86
CA VAL A 239 -3.20 -6.80 -18.45
C VAL A 239 -4.01 -7.56 -17.42
N LEU A 240 -4.55 -6.84 -16.45
CA LEU A 240 -5.32 -7.51 -15.40
C LEU A 240 -6.56 -8.19 -15.97
N GLN A 241 -7.30 -7.49 -16.84
CA GLN A 241 -8.49 -8.08 -17.46
C GLN A 241 -8.14 -9.29 -18.31
N ALA A 242 -7.14 -9.14 -19.19
CA ALA A 242 -6.67 -10.27 -19.98
C ALA A 242 -6.24 -11.43 -19.07
N TYR A 243 -5.48 -11.13 -18.02
CA TYR A 243 -4.98 -12.20 -17.16
C TYR A 243 -6.10 -12.97 -16.48
N ILE A 244 -7.09 -12.26 -15.93
CA ILE A 244 -8.22 -12.92 -15.30
C ILE A 244 -9.01 -13.74 -16.31
N ARG A 245 -9.25 -13.17 -17.48
CA ARG A 245 -10.07 -13.83 -18.48
C ARG A 245 -9.46 -15.14 -18.94
N ILE A 246 -8.14 -15.23 -19.05
CA ILE A 246 -7.50 -16.37 -19.68
C ILE A 246 -6.78 -17.29 -18.69
N GLN A 247 -6.54 -16.84 -17.46
CA GLN A 247 -5.72 -17.60 -16.52
C GLN A 247 -6.34 -17.79 -15.15
N HIS A 248 -7.52 -17.21 -14.88
CA HIS A 248 -8.22 -17.45 -13.62
C HIS A 248 -9.55 -18.12 -13.90
N PRO A 249 -9.67 -19.43 -13.65
CA PRO A 249 -10.98 -20.09 -13.77
C PRO A 249 -11.94 -19.57 -12.70
N GLY A 250 -13.22 -19.56 -13.04
CA GLY A 250 -14.24 -19.13 -12.10
C GLY A 250 -14.14 -17.67 -11.69
N GLY A 251 -13.43 -16.86 -12.48
CA GLY A 251 -13.27 -15.45 -12.16
C GLY A 251 -14.08 -14.55 -13.06
N ARG A 252 -15.30 -14.97 -13.40
CA ARG A 252 -16.17 -14.17 -14.26
C ARG A 252 -16.42 -12.78 -13.68
N LEU A 253 -16.41 -12.64 -12.35
CA LEU A 253 -16.81 -11.40 -11.67
C LEU A 253 -15.63 -10.65 -11.07
N LEU A 254 -14.42 -11.17 -11.17
CA LEU A 254 -13.36 -10.77 -10.26
C LEU A 254 -12.87 -9.34 -10.56
N TYR A 255 -12.68 -9.00 -11.83
CA TYR A 255 -12.17 -7.67 -12.17
C TYR A 255 -13.07 -6.58 -11.60
N ALA A 256 -14.39 -6.75 -11.73
CA ALA A 256 -15.34 -5.80 -11.18
C ALA A 256 -15.13 -5.63 -9.68
N LYS A 257 -15.10 -6.75 -8.95
CA LYS A 257 -14.91 -6.68 -7.49
C LYS A 257 -13.58 -6.05 -7.14
N MET A 258 -12.53 -6.33 -7.93
CA MET A 258 -11.22 -5.76 -7.65
C MET A 258 -11.23 -4.25 -7.80
N ILE A 259 -11.84 -3.75 -8.89
CA ILE A 259 -11.92 -2.31 -9.09
C ILE A 259 -12.79 -1.69 -8.01
N GLN A 260 -13.88 -2.37 -7.61
CA GLN A 260 -14.64 -1.94 -6.45
C GLN A 260 -13.75 -1.68 -5.23
N LYS A 261 -12.74 -2.52 -5.00
CA LYS A 261 -11.86 -2.36 -3.85
C LYS A 261 -11.01 -1.10 -3.92
N LEU A 262 -10.76 -0.56 -5.13
CA LEU A 262 -10.02 0.70 -5.22
C LEU A 262 -10.84 1.85 -4.65
N ALA A 263 -12.15 1.86 -4.92
CA ALA A 263 -13.03 2.85 -4.30
C ALA A 263 -13.02 2.71 -2.78
N ASP A 264 -13.03 1.46 -2.28
CA ASP A 264 -12.89 1.22 -0.85
C ASP A 264 -11.66 1.93 -0.29
N LEU A 265 -10.50 1.72 -0.91
CA LEU A 265 -9.25 2.28 -0.40
C LEU A 265 -9.31 3.81 -0.30
N ARG A 266 -9.84 4.47 -1.32
CA ARG A 266 -9.95 5.92 -1.29
C ARG A 266 -10.72 6.38 -0.06
N SER A 267 -11.74 5.61 0.33
CA SER A 267 -12.49 5.92 1.54
C SER A 267 -11.65 5.71 2.80
N LEU A 268 -10.88 4.60 2.84
CA LEU A 268 -10.02 4.36 4.00
C LEU A 268 -8.89 5.38 4.07
N ASN A 269 -8.37 5.76 2.90
CA ASN A 269 -7.33 6.78 2.81
C ASN A 269 -7.80 8.08 3.46
N GLU A 270 -9.00 8.54 3.10
CA GLU A 270 -9.52 9.77 3.70
C GLU A 270 -9.59 9.64 5.21
N GLU A 271 -10.10 8.51 5.70
CA GLU A 271 -10.24 8.31 7.14
C GLU A 271 -8.87 8.27 7.82
N HIS A 272 -7.86 7.70 7.20
CA HIS A 272 -6.55 7.73 7.84
C HIS A 272 -6.04 9.15 7.87
N SER A 273 -6.10 9.83 6.74
CA SER A 273 -5.57 11.19 6.69
C SER A 273 -6.21 12.07 7.77
N LYS A 274 -7.52 11.95 7.97
CA LYS A 274 -8.17 12.77 8.99
C LYS A 274 -7.57 12.51 10.36
N GLN A 275 -7.24 11.25 10.65
CA GLN A 275 -6.74 10.87 11.96
C GLN A 275 -5.23 11.08 12.10
N TYR A 276 -4.48 10.94 11.01
CA TYR A 276 -3.08 11.32 11.03
C TYR A 276 -2.92 12.84 11.17
N ARG A 277 -3.71 13.61 10.42
CA ARG A 277 -3.66 15.06 10.52
C ARG A 277 -3.83 15.50 11.96
N SER A 278 -4.84 14.95 12.64
CA SER A 278 -5.04 15.23 14.05
C SER A 278 -3.89 14.75 14.91
N LEU A 279 -3.16 13.73 14.47
CA LEU A 279 -2.05 13.20 15.26
C LEU A 279 -0.79 14.05 15.09
N SER A 280 -0.45 14.37 13.84
CA SER A 280 0.75 15.15 13.57
C SER A 280 0.64 16.61 13.99
N PHE A 281 -0.52 17.05 14.50
CA PHE A 281 -0.66 18.37 15.09
C PHE A 281 -0.47 18.39 16.59
N GLN A 282 -0.21 17.23 17.20
CA GLN A 282 0.13 17.12 18.61
C GLN A 282 1.61 16.75 18.72
N PRO A 283 2.50 17.70 19.04
CA PRO A 283 3.95 17.43 18.87
C PRO A 283 4.48 16.26 19.68
N GLU A 284 3.87 15.90 20.81
CA GLU A 284 4.32 14.72 21.55
C GLU A 284 4.05 13.42 20.81
N HIS A 285 3.21 13.45 19.78
CA HIS A 285 2.99 12.28 18.97
C HIS A 285 3.80 12.31 17.68
N SER A 286 3.82 13.45 16.99
CA SER A 286 4.68 13.54 15.81
C SER A 286 6.14 13.27 16.18
N MET A 287 6.54 13.64 17.39
CA MET A 287 7.81 13.19 17.98
C MET A 287 8.07 11.69 17.73
N GLN A 288 7.03 10.86 17.76
CA GLN A 288 7.21 9.42 17.64
C GLN A 288 7.31 8.93 16.19
N LEU A 289 7.00 9.77 15.22
CA LEU A 289 7.06 9.38 13.82
C LEU A 289 8.49 9.44 13.28
N THR A 290 8.74 8.69 12.21
CA THR A 290 10.02 8.81 11.53
C THR A 290 9.99 9.96 10.54
N PRO A 291 11.15 10.46 10.12
CA PRO A 291 11.15 11.54 9.10
C PRO A 291 10.50 11.16 7.78
N LEU A 292 10.74 9.93 7.30
CA LEU A 292 10.06 9.46 6.10
C LEU A 292 8.56 9.63 6.23
N VAL A 293 7.99 9.06 7.30
CA VAL A 293 6.56 9.18 7.57
C VAL A 293 6.11 10.63 7.52
N LEU A 294 6.81 11.50 8.24
CA LEU A 294 6.42 12.90 8.26
C LEU A 294 6.47 13.52 6.86
N GLU A 295 7.40 13.06 6.02
CA GLU A 295 7.60 13.66 4.71
C GLU A 295 6.57 13.17 3.72
N VAL A 296 6.19 11.89 3.83
CA VAL A 296 5.23 11.29 2.92
C VAL A 296 3.81 11.71 3.26
N PHE A 297 3.48 11.84 4.54
CA PHE A 297 2.12 12.11 4.96
C PHE A 297 1.85 13.58 5.27
N GLY A 298 2.90 14.45 5.30
CA GLY A 298 2.68 15.87 5.47
C GLY A 298 2.22 16.52 4.18
N SER A 299 1.95 17.82 4.24
CA SER A 299 1.54 18.58 3.05
C SER A 299 2.63 19.61 2.72
N GLU A 300 3.45 19.30 1.73
CA GLU A 300 4.46 20.27 1.24
C GLU A 300 4.91 19.91 -0.17
N LYS B 1 12.61 20.61 -0.57
CA LYS B 1 11.34 20.00 -0.21
C LYS B 1 11.30 18.58 -0.69
N HIS B 2 11.00 17.70 0.23
CA HIS B 2 10.98 16.25 -0.02
C HIS B 2 12.37 15.70 -0.28
N LYS B 3 13.33 16.11 0.56
CA LYS B 3 14.71 15.69 0.32
C LYS B 3 14.82 14.17 0.26
N ILE B 4 14.11 13.48 1.15
CA ILE B 4 14.24 12.03 1.27
C ILE B 4 13.58 11.33 0.09
N LEU B 5 12.33 11.69 -0.20
CA LEU B 5 11.60 11.06 -1.30
C LEU B 5 12.36 11.22 -2.60
N HIS B 6 12.95 12.39 -2.84
CA HIS B 6 13.81 12.56 -4.00
C HIS B 6 14.99 11.61 -3.96
N ARG B 7 15.59 11.44 -2.78
CA ARG B 7 16.76 10.57 -2.68
C ARG B 7 16.39 9.12 -2.95
N LEU B 8 15.32 8.64 -2.32
CA LEU B 8 14.92 7.24 -2.46
C LEU B 8 14.54 6.90 -3.90
N LEU B 9 14.12 7.90 -4.68
CA LEU B 9 13.83 7.72 -6.10
C LEU B 9 15.08 7.95 -6.95
N GLN B 10 16.24 7.56 -6.44
CA GLN B 10 17.50 7.78 -7.13
C GLN B 10 17.71 9.26 -7.44
#